data_3FOT
#
_entry.id   3FOT
#
_cell.length_a   64.146
_cell.length_b   81.161
_cell.length_c   95.358
_cell.angle_alpha   90.00
_cell.angle_beta   90.00
_cell.angle_gamma   90.00
#
_symmetry.space_group_name_H-M   'P 21 21 21'
#
loop_
_entity.id
_entity.type
_entity.pdbx_description
1 polymer 15-O-acetyltransferase
2 non-polymer GLYCEROL
3 non-polymer 'SULFATE ION'
4 water water
#
_entity_poly.entity_id   1
_entity_poly.type   'polypeptide(L)'
_entity_poly.pdbx_seq_one_letter_code
;MSASSSSALPPLVPALYRWKSTGSSGRQVQRRCVGAEAIVGLEEKNRRALYDLYIATSLRNIAPASTLLTLQNLKEMFEL
ALLDARFEHPECACTVSWDDEVPAIITYESPESNESARDWARGCIHVQPTAKSALDLWSEMEEGRAAANDNTPSKSIELF
LLSDVSTDSTPIPQDATVEILFHSNHLFWDGIGCRKFVGDLFRLVGSYIGRSDSREMKKIQWGQEIKNLSPPVVDSLKLD
INTLGSEFDDKCTEYTSALVANYKSRGMKFQPGLALPRCVIHKLSADESIDIVKAVKTRLGPGFTISHLTQAAIVLALLD
HLKPNDLSDDEVFISPTSVDGRRWLREDIASNFYAMCQTAAVVRIENLKSITVSHKDEKELQVRALESACRNIKKSYRQW
LENPFLQALGLRVHNFEASYLHAKPIPFEGEANPLFISDGINERFIPHEIKQTATGENVLSVESIDFVVNQSLPYLAIRL
DSWRDASTLNIIYNDANYTEAEVQKYLQSIVEFMLAFRL
;
_entity_poly.pdbx_strand_id   A
#
# COMPACT_ATOMS: atom_id res chain seq x y z
N LEU A 9 7.59 3.03 -27.80
CA LEU A 9 7.52 2.46 -26.42
C LEU A 9 8.06 1.02 -26.43
N PRO A 10 9.09 0.72 -25.63
CA PRO A 10 9.65 -0.64 -25.63
C PRO A 10 8.62 -1.69 -25.22
N PRO A 11 8.65 -2.88 -25.86
CA PRO A 11 7.72 -3.97 -25.50
C PRO A 11 8.14 -4.81 -24.29
N LEU A 12 7.23 -5.65 -23.79
CA LEU A 12 7.60 -6.80 -22.96
C LEU A 12 7.71 -7.99 -23.91
N VAL A 13 8.72 -8.86 -23.81
CA VAL A 13 9.84 -8.89 -22.84
C VAL A 13 9.79 -10.02 -21.76
N PRO A 14 8.81 -10.94 -21.82
CA PRO A 14 8.58 -11.82 -20.66
C PRO A 14 9.83 -12.53 -20.13
N ALA A 15 10.64 -13.08 -21.03
CA ALA A 15 11.84 -13.83 -20.68
C ALA A 15 12.73 -13.03 -19.73
N LEU A 16 12.87 -11.75 -20.03
CA LEU A 16 13.67 -10.81 -19.22
C LEU A 16 13.40 -10.82 -17.73
N TYR A 17 12.20 -11.23 -17.32
CA TYR A 17 11.72 -11.09 -15.93
C TYR A 17 11.46 -12.37 -15.14
N ARG A 18 11.96 -13.50 -15.64
CA ARG A 18 11.71 -14.76 -14.96
C ARG A 18 12.75 -15.02 -13.88
N TRP A 19 12.42 -15.88 -12.93
CA TRP A 19 13.39 -16.26 -11.91
C TRP A 19 14.51 -17.08 -12.59
N LYS A 20 15.74 -16.85 -12.18
CA LYS A 20 16.92 -17.57 -12.70
C LYS A 20 17.78 -18.04 -11.53
N SER A 21 18.19 -19.31 -11.53
CA SER A 21 19.19 -19.77 -10.54
C SER A 21 20.54 -19.14 -10.83
N THR A 22 21.19 -18.59 -9.80
CA THR A 22 22.47 -17.90 -10.01
C THR A 22 23.71 -18.79 -9.82
N GLY A 23 23.50 -20.03 -9.41
CA GLY A 23 24.63 -20.96 -9.21
C GLY A 23 24.17 -22.41 -9.17
N SER A 24 25.12 -23.32 -8.89
CA SER A 24 24.87 -24.75 -9.05
C SER A 24 23.89 -25.36 -8.06
N SER A 25 23.83 -24.81 -6.85
CA SER A 25 23.02 -25.41 -5.79
C SER A 25 21.52 -25.22 -6.01
N GLY A 26 21.17 -24.13 -6.70
CA GLY A 26 19.77 -23.78 -6.92
C GLY A 26 19.17 -23.01 -5.74
N ARG A 27 19.98 -22.76 -4.70
CA ARG A 27 19.49 -22.09 -3.48
C ARG A 27 19.32 -20.56 -3.61
N GLN A 28 19.94 -19.96 -4.62
CA GLN A 28 19.77 -18.53 -4.91
C GLN A 28 19.15 -18.31 -6.29
N VAL A 29 18.10 -17.49 -6.35
CA VAL A 29 17.44 -17.14 -7.62
C VAL A 29 17.35 -15.62 -7.69
N GLN A 30 17.33 -15.07 -8.91
CA GLN A 30 17.17 -13.65 -9.08
C GLN A 30 16.27 -13.34 -10.26
N ARG A 31 15.67 -12.16 -10.25
CA ARG A 31 14.93 -11.69 -11.43
C ARG A 31 15.03 -10.18 -11.59
N ARG A 32 15.02 -9.75 -12.85
CA ARG A 32 14.90 -8.32 -13.14
C ARG A 32 13.48 -7.87 -12.84
N CYS A 33 13.34 -6.81 -12.06
CA CYS A 33 12.01 -6.36 -11.67
C CYS A 33 11.29 -5.74 -12.88
N VAL A 34 9.96 -5.59 -12.74
CA VAL A 34 9.11 -5.24 -13.91
C VAL A 34 7.96 -4.34 -13.50
N GLY A 35 7.57 -3.42 -14.38
CA GLY A 35 6.38 -2.63 -14.15
C GLY A 35 6.55 -1.73 -12.95
N ALA A 36 5.51 -1.70 -12.10
CA ALA A 36 5.53 -0.80 -10.93
C ALA A 36 6.72 -1.06 -10.00
N GLU A 37 7.24 -2.28 -10.02
CA GLU A 37 8.48 -2.56 -9.26
C GLU A 37 9.61 -1.63 -9.64
N ALA A 38 9.76 -1.37 -10.93
CA ALA A 38 10.86 -0.56 -11.46
C ALA A 38 10.74 0.88 -10.97
N ILE A 39 9.52 1.36 -10.77
CA ILE A 39 9.31 2.71 -10.23
C ILE A 39 9.83 2.78 -8.79
N VAL A 40 9.30 1.90 -7.92
CA VAL A 40 9.68 1.96 -6.51
C VAL A 40 11.11 1.49 -6.25
N GLY A 41 11.63 0.68 -7.17
CA GLY A 41 13.00 0.17 -7.14
C GLY A 41 14.09 1.10 -7.66
N LEU A 42 13.75 2.22 -8.31
CA LEU A 42 14.79 3.17 -8.79
C LEU A 42 15.83 3.39 -7.71
N GLU A 43 17.09 3.07 -8.05
CA GLU A 43 18.15 3.05 -7.04
C GLU A 43 18.21 4.31 -6.19
N GLU A 44 18.19 5.48 -6.83
CA GLU A 44 18.32 6.76 -6.12
C GLU A 44 17.14 7.07 -5.16
N LYS A 45 16.00 6.43 -5.39
CA LYS A 45 14.82 6.59 -4.55
C LYS A 45 14.71 5.48 -3.52
N ASN A 46 14.91 4.25 -3.95
CA ASN A 46 14.88 3.10 -3.05
C ASN A 46 15.93 3.20 -1.92
N ARG A 47 17.14 3.67 -2.27
CA ARG A 47 18.18 3.89 -1.24
C ARG A 47 17.80 4.93 -0.21
N ARG A 48 16.84 5.80 -0.54
CA ARG A 48 16.40 6.85 0.36
C ARG A 48 15.03 6.53 0.93
N ALA A 49 14.56 5.29 0.71
CA ALA A 49 13.29 4.81 1.25
C ALA A 49 12.09 5.61 0.78
N LEU A 50 12.19 6.17 -0.44
CA LEU A 50 11.21 7.15 -0.89
C LEU A 50 9.81 6.60 -1.07
N TYR A 51 9.68 5.30 -1.35
CA TYR A 51 8.34 4.67 -1.47
C TYR A 51 8.04 3.60 -0.41
N ASP A 52 8.76 3.60 0.71
CA ASP A 52 8.64 2.53 1.71
C ASP A 52 7.19 2.44 2.22
N LEU A 53 6.77 1.21 2.50
CA LEU A 53 5.43 0.92 3.04
C LEU A 53 5.52 0.79 4.55
N TYR A 54 4.57 1.38 5.26
CA TYR A 54 4.44 1.12 6.69
C TYR A 54 2.99 0.78 6.98
N ILE A 55 2.78 -0.21 7.83
CA ILE A 55 1.43 -0.54 8.32
C ILE A 55 1.46 -0.42 9.85
N ALA A 56 0.63 0.46 10.40
CA ALA A 56 0.59 0.69 11.84
C ALA A 56 -0.66 -0.01 12.36
N THR A 57 -0.45 -0.99 13.23
CA THR A 57 -1.59 -1.71 13.81
C THR A 57 -1.60 -1.40 15.31
N SER A 58 -2.76 -1.06 15.85
CA SER A 58 -2.88 -0.88 17.28
C SER A 58 -3.69 -2.06 17.80
N LEU A 59 -3.13 -2.77 18.77
CA LEU A 59 -3.74 -3.98 19.29
C LEU A 59 -4.07 -3.75 20.76
N ARG A 60 -5.04 -4.49 21.26
CA ARG A 60 -5.37 -4.43 22.68
C ARG A 60 -5.26 -5.85 23.27
N ASN A 61 -4.66 -5.95 24.45
CA ASN A 61 -4.57 -7.19 25.16
C ASN A 61 -5.95 -7.58 25.70
N ILE A 62 -6.60 -8.56 25.06
CA ILE A 62 -7.91 -9.03 25.51
C ILE A 62 -7.84 -10.48 25.96
N ALA A 63 -6.63 -10.94 26.21
CA ALA A 63 -6.39 -12.32 26.52
C ALA A 63 -6.99 -12.75 27.87
N PRO A 64 -7.17 -14.07 28.06
CA PRO A 64 -7.55 -14.59 29.37
C PRO A 64 -6.51 -14.09 30.37
N ALA A 65 -6.91 -13.85 31.60
CA ALA A 65 -5.98 -13.31 32.62
C ALA A 65 -4.73 -14.19 32.80
N SER A 66 -4.91 -15.50 32.60
CA SER A 66 -3.82 -16.46 32.76
C SER A 66 -2.82 -16.50 31.59
N THR A 67 -3.04 -15.67 30.56
CA THR A 67 -2.07 -15.53 29.46
C THR A 67 -1.11 -14.39 29.78
N LEU A 68 0.18 -14.72 29.92
CA LEU A 68 1.18 -13.72 30.24
C LEU A 68 1.92 -13.24 29.00
N LEU A 69 1.72 -11.99 28.64
CA LEU A 69 2.42 -11.40 27.50
C LEU A 69 3.44 -10.41 27.96
N THR A 70 4.62 -10.43 27.33
CA THR A 70 5.61 -9.38 27.52
C THR A 70 6.14 -8.98 26.16
N LEU A 71 6.84 -7.84 26.08
CA LEU A 71 7.46 -7.50 24.78
C LEU A 71 8.49 -8.55 24.39
N GLN A 72 9.28 -9.02 25.37
CA GLN A 72 10.25 -10.08 25.10
C GLN A 72 9.61 -11.39 24.55
N ASN A 73 8.52 -11.88 25.17
CA ASN A 73 7.93 -13.10 24.66
C ASN A 73 7.10 -12.89 23.38
N LEU A 74 6.59 -11.67 23.17
CA LEU A 74 5.92 -11.36 21.89
C LEU A 74 6.93 -11.38 20.75
N LYS A 75 8.11 -10.82 20.99
CA LYS A 75 9.17 -10.83 20.00
C LYS A 75 9.51 -12.29 19.71
N GLU A 76 9.61 -13.11 20.75
CA GLU A 76 9.97 -14.52 20.51
C GLU A 76 8.92 -15.21 19.61
N MET A 77 7.64 -14.98 19.92
CA MET A 77 6.53 -15.59 19.15
C MET A 77 6.50 -15.08 17.70
N PHE A 78 6.76 -13.79 17.51
CA PHE A 78 6.74 -13.23 16.14
C PHE A 78 7.96 -13.65 15.32
N GLU A 79 9.06 -13.96 16.00
CA GLU A 79 10.21 -14.52 15.30
C GLU A 79 9.85 -15.88 14.73
N LEU A 80 9.18 -16.69 15.54
CA LEU A 80 8.71 -18.03 15.14
C LEU A 80 7.70 -17.94 13.99
N ALA A 81 6.72 -17.05 14.13
CA ALA A 81 5.76 -16.77 13.08
C ALA A 81 6.43 -16.30 11.79
N LEU A 82 7.44 -15.45 11.90
CA LEU A 82 8.09 -14.88 10.71
C LEU A 82 8.84 -15.97 9.94
N LEU A 83 9.43 -16.89 10.68
CA LEU A 83 10.07 -18.06 10.04
C LEU A 83 9.06 -18.91 9.25
N ASP A 84 7.91 -19.21 9.85
CA ASP A 84 6.86 -19.94 9.16
C ASP A 84 6.42 -19.16 7.94
N ALA A 85 6.30 -17.83 8.10
CA ALA A 85 5.80 -16.96 7.04
C ALA A 85 6.79 -16.91 5.87
N ARG A 86 8.08 -16.95 6.19
CA ARG A 86 9.14 -16.93 5.18
C ARG A 86 9.02 -18.17 4.32
N PHE A 87 8.73 -19.31 4.96
CA PHE A 87 8.48 -20.55 4.24
C PHE A 87 7.27 -20.46 3.31
N GLU A 88 6.16 -19.91 3.80
CA GLU A 88 4.97 -19.74 2.97
C GLU A 88 5.15 -18.71 1.86
N HIS A 89 5.79 -17.59 2.19
CA HIS A 89 5.87 -16.41 1.32
C HIS A 89 7.24 -15.74 1.44
N PRO A 90 8.23 -16.30 0.72
CA PRO A 90 9.61 -15.81 0.87
C PRO A 90 9.91 -14.40 0.36
N GLU A 91 8.91 -13.69 -0.17
CA GLU A 91 9.09 -12.30 -0.49
C GLU A 91 9.62 -11.50 0.70
N CYS A 92 9.27 -11.94 1.92
CA CYS A 92 9.69 -11.25 3.15
C CYS A 92 11.21 -11.28 3.41
N ALA A 93 11.96 -12.08 2.64
CA ALA A 93 13.44 -12.03 2.73
C ALA A 93 14.17 -11.83 1.41
N CYS A 94 13.45 -11.38 0.38
CA CYS A 94 14.13 -11.01 -0.86
C CYS A 94 14.97 -9.75 -0.60
N THR A 95 16.01 -9.56 -1.40
CA THR A 95 16.91 -8.44 -1.28
C THR A 95 17.02 -7.74 -2.64
N VAL A 96 17.57 -6.54 -2.64
CA VAL A 96 17.64 -5.76 -3.84
C VAL A 96 19.07 -5.42 -4.18
N SER A 97 19.35 -5.41 -5.49
CA SER A 97 20.63 -4.89 -5.99
C SER A 97 20.40 -4.17 -7.30
N TRP A 98 21.44 -3.48 -7.77
CA TRP A 98 21.32 -2.79 -9.01
C TRP A 98 22.56 -2.99 -9.84
N ASP A 99 22.38 -2.93 -11.14
CA ASP A 99 23.51 -2.60 -12.02
C ASP A 99 23.28 -1.21 -12.62
N ASP A 100 23.68 -1.00 -13.87
CA ASP A 100 23.57 0.34 -14.43
C ASP A 100 22.20 0.62 -15.05
N GLU A 101 21.38 -0.43 -15.17
CA GLU A 101 20.04 -0.28 -15.72
C GLU A 101 19.11 0.36 -14.70
N VAL A 102 18.00 0.90 -15.19
CA VAL A 102 16.97 1.45 -14.33
C VAL A 102 16.28 0.40 -13.42
N PRO A 103 15.79 -0.72 -13.99
CA PRO A 103 15.13 -1.72 -13.15
C PRO A 103 16.04 -2.44 -12.16
N ALA A 104 15.59 -2.44 -10.91
CA ALA A 104 16.24 -3.16 -9.82
C ALA A 104 16.29 -4.66 -10.08
N ILE A 105 17.18 -5.34 -9.35
CA ILE A 105 17.25 -6.80 -9.42
C ILE A 105 16.79 -7.36 -8.09
N ILE A 106 15.87 -8.31 -8.14
CA ILE A 106 15.34 -8.91 -6.91
C ILE A 106 15.96 -10.29 -6.73
N THR A 107 16.56 -10.51 -5.57
CA THR A 107 17.21 -11.81 -5.31
C THR A 107 16.55 -12.52 -4.13
N TYR A 108 16.39 -13.84 -4.22
CA TYR A 108 16.04 -14.64 -3.06
C TYR A 108 17.07 -15.76 -2.85
N GLU A 109 17.51 -15.93 -1.62
CA GLU A 109 18.40 -17.06 -1.29
C GLU A 109 17.88 -17.79 -0.05
N SER A 110 17.73 -19.10 -0.15
CA SER A 110 17.37 -19.91 1.04
C SER A 110 18.40 -19.75 2.14
N PRO A 111 17.98 -19.78 3.42
CA PRO A 111 18.95 -19.75 4.51
C PRO A 111 19.95 -20.91 4.39
N GLU A 112 21.22 -20.59 4.63
CA GLU A 112 22.30 -21.58 4.57
C GLU A 112 22.19 -22.65 5.64
N SER A 113 21.44 -22.34 6.70
CA SER A 113 21.24 -23.24 7.83
C SER A 113 20.04 -22.76 8.62
N ASN A 114 19.49 -23.65 9.45
CA ASN A 114 18.40 -23.25 10.31
C ASN A 114 18.84 -22.15 11.30
N GLU A 115 20.10 -22.18 11.74
CA GLU A 115 20.63 -21.12 12.62
C GLU A 115 20.62 -19.75 11.95
N SER A 116 21.05 -19.71 10.68
CA SER A 116 21.13 -18.50 9.87
C SER A 116 19.72 -17.89 9.71
N ALA A 117 18.77 -18.77 9.44
CA ALA A 117 17.36 -18.39 9.32
C ALA A 117 16.85 -17.76 10.62
N ARG A 118 17.18 -18.39 11.73
CA ARG A 118 16.76 -17.87 13.02
C ARG A 118 17.42 -16.52 13.30
N ASP A 119 18.70 -16.38 12.94
CA ASP A 119 19.40 -15.10 13.07
C ASP A 119 18.69 -14.02 12.25
N TRP A 120 18.30 -14.38 11.02
CA TRP A 120 17.59 -13.46 10.15
C TRP A 120 16.27 -12.98 10.80
N ALA A 121 15.44 -13.91 11.25
CA ALA A 121 14.14 -13.56 11.86
C ALA A 121 14.30 -12.68 13.12
N ARG A 122 15.25 -13.04 13.98
CA ARG A 122 15.55 -12.22 15.16
C ARG A 122 15.91 -10.79 14.77
N GLY A 123 16.65 -10.65 13.66
CA GLY A 123 17.07 -9.35 13.15
C GLY A 123 15.95 -8.47 12.63
N CYS A 124 14.78 -9.08 12.34
CA CYS A 124 13.66 -8.36 11.78
C CYS A 124 12.59 -7.95 12.81
N ILE A 125 12.73 -8.39 14.05
CA ILE A 125 11.68 -8.10 15.04
C ILE A 125 12.31 -7.33 16.19
N HIS A 126 11.73 -6.17 16.48
CA HIS A 126 12.28 -5.24 17.47
C HIS A 126 11.22 -4.85 18.47
N VAL A 127 11.64 -4.56 19.70
CA VAL A 127 10.70 -4.12 20.71
C VAL A 127 11.16 -2.85 21.43
N GLN A 128 10.20 -2.09 21.93
CA GLN A 128 10.49 -0.89 22.71
C GLN A 128 9.44 -0.71 23.79
N PRO A 129 9.84 -0.69 25.08
CA PRO A 129 8.92 -0.20 26.10
C PRO A 129 8.84 1.30 25.98
N THR A 130 7.68 1.82 25.58
CA THR A 130 7.49 3.21 25.24
C THR A 130 6.01 3.57 25.18
N ALA A 131 5.68 4.84 25.40
CA ALA A 131 4.33 5.33 25.18
C ALA A 131 4.06 5.80 23.74
N LYS A 132 5.09 5.87 22.90
CA LYS A 132 4.91 6.28 21.50
C LYS A 132 4.02 5.30 20.74
N SER A 133 3.19 5.86 19.85
CA SER A 133 2.36 5.05 18.95
C SER A 133 3.21 4.53 17.78
N ALA A 134 2.64 3.60 17.01
CA ALA A 134 3.30 3.12 15.79
C ALA A 134 3.60 4.28 14.82
N LEU A 135 2.63 5.18 14.62
CA LEU A 135 2.86 6.33 13.73
C LEU A 135 3.86 7.33 14.27
N ASP A 136 3.95 7.47 15.60
CA ASP A 136 5.00 8.29 16.24
C ASP A 136 6.35 7.75 15.84
N LEU A 137 6.49 6.44 15.89
CA LEU A 137 7.74 5.78 15.52
C LEU A 137 8.05 5.94 14.02
N TRP A 138 7.05 5.87 13.17
CA TRP A 138 7.25 6.16 11.76
C TRP A 138 7.91 7.53 11.61
N SER A 139 7.32 8.53 12.26
CA SER A 139 7.83 9.90 12.22
C SER A 139 9.30 9.93 12.63
N GLU A 140 9.61 9.23 13.72
CA GLU A 140 10.94 9.24 14.27
C GLU A 140 11.92 8.57 13.32
N MET A 141 11.48 7.48 12.68
CA MET A 141 12.32 6.73 11.77
C MET A 141 12.61 7.55 10.51
N GLU A 142 11.58 8.25 10.04
CA GLU A 142 11.77 9.08 8.86
C GLU A 142 12.64 10.30 9.16
N GLU A 143 12.45 10.89 10.33
CA GLU A 143 13.35 11.98 10.78
C GLU A 143 14.80 11.47 10.94
N GLY A 144 14.95 10.31 11.59
CA GLY A 144 16.25 9.67 11.79
C GLY A 144 17.01 9.30 10.52
N ARG A 145 16.26 8.81 9.52
CA ARG A 145 16.73 8.41 8.15
C ARG A 145 17.93 9.21 7.67
N ALA A 146 17.89 10.53 7.70
CA ALA A 146 17.29 11.44 6.77
C ALA A 146 18.54 12.13 7.28
N ALA A 147 18.48 12.41 8.59
CA ALA A 147 19.60 12.85 9.43
C ALA A 147 20.83 11.93 9.44
N ALA A 148 20.63 10.62 9.33
CA ALA A 148 21.71 9.63 9.32
C ALA A 148 22.40 9.55 7.96
N ASN A 149 21.72 10.05 6.92
CA ASN A 149 22.31 10.16 5.60
C ASN A 149 22.82 8.84 5.02
N ASN A 151 21.90 5.89 3.10
CA ASN A 151 21.66 5.58 1.69
C ASN A 151 21.55 4.07 1.44
N THR A 152 20.96 3.36 2.40
CA THR A 152 20.85 1.92 2.36
C THR A 152 19.37 1.55 2.18
N PRO A 153 19.04 0.64 1.22
CA PRO A 153 17.63 0.18 1.02
C PRO A 153 17.08 -0.54 2.22
N SER A 154 15.80 -0.34 2.48
CA SER A 154 15.13 -1.03 3.58
C SER A 154 15.01 -2.54 3.37
N LYS A 155 14.96 -3.26 4.49
CA LYS A 155 14.64 -4.68 4.43
C LYS A 155 13.26 -4.93 3.84
N SER A 156 13.04 -6.13 3.30
CA SER A 156 11.71 -6.43 2.78
C SER A 156 10.62 -6.24 3.84
N ILE A 157 10.89 -6.70 5.06
CA ILE A 157 9.96 -6.42 6.16
C ILE A 157 10.66 -6.48 7.52
N GLU A 158 10.29 -5.54 8.37
CA GLU A 158 10.65 -5.58 9.78
C GLU A 158 9.43 -5.19 10.60
N LEU A 159 9.44 -5.56 11.89
CA LEU A 159 8.32 -5.27 12.82
C LEU A 159 8.88 -4.60 14.06
N PHE A 160 8.14 -3.62 14.59
CA PHE A 160 8.46 -3.00 15.86
C PHE A 160 7.28 -3.11 16.80
N LEU A 161 7.50 -3.75 17.95
CA LEU A 161 6.42 -3.98 18.92
C LEU A 161 6.62 -2.97 20.03
N LEU A 162 5.58 -2.21 20.34
CA LEU A 162 5.70 -1.11 21.29
C LEU A 162 4.60 -1.28 22.31
N SER A 163 4.92 -1.03 23.57
CA SER A 163 3.87 -1.03 24.59
C SER A 163 4.35 -0.14 25.74
N ASP A 164 3.40 0.56 26.35
CA ASP A 164 3.73 1.50 27.44
C ASP A 164 3.87 0.75 28.76
N VAL A 165 4.99 0.04 28.88
CA VAL A 165 5.34 -0.72 30.09
C VAL A 165 6.76 -0.33 30.45
N SER A 166 7.22 -0.68 31.66
CA SER A 166 8.53 -0.26 32.13
CA SER A 166 8.53 -0.26 32.14
C SER A 166 9.68 -0.92 31.39
N THR A 167 9.57 -2.24 31.21
CA THR A 167 10.67 -3.01 30.62
C THR A 167 10.10 -4.06 29.67
N ASP A 168 10.99 -4.76 28.98
CA ASP A 168 10.56 -5.78 28.01
C ASP A 168 10.10 -7.08 28.66
N SER A 169 10.26 -7.20 30.00
CA SER A 169 9.75 -8.37 30.72
CA SER A 169 9.77 -8.36 30.74
C SER A 169 8.58 -8.01 31.64
N THR A 170 8.13 -6.75 31.56
CA THR A 170 6.93 -6.33 32.27
C THR A 170 5.68 -6.97 31.64
N PRO A 171 4.85 -7.66 32.44
CA PRO A 171 3.60 -8.20 31.89
C PRO A 171 2.72 -7.08 31.34
N ILE A 172 2.19 -7.31 30.15
CA ILE A 172 1.37 -6.31 29.48
C ILE A 172 -0.02 -6.41 30.13
N PRO A 173 -0.47 -5.33 30.78
CA PRO A 173 -1.71 -5.40 31.53
C PRO A 173 -2.91 -5.78 30.66
N GLN A 174 -3.93 -6.37 31.28
CA GLN A 174 -5.21 -6.57 30.63
C GLN A 174 -5.68 -5.24 30.08
N ASP A 175 -6.15 -5.26 28.82
CA ASP A 175 -6.64 -4.09 28.08
C ASP A 175 -5.65 -3.00 27.73
N ALA A 176 -4.37 -3.27 27.99
CA ALA A 176 -3.31 -2.38 27.53
C ALA A 176 -3.13 -2.54 26.02
N THR A 177 -2.62 -1.49 25.40
CA THR A 177 -2.37 -1.42 23.97
C THR A 177 -0.97 -1.96 23.68
N VAL A 178 -0.85 -2.76 22.62
CA VAL A 178 0.44 -3.08 22.05
C VAL A 178 0.34 -2.56 20.61
N GLU A 179 1.31 -1.75 20.18
CA GLU A 179 1.28 -1.23 18.81
C GLU A 179 2.31 -2.03 18.01
N ILE A 180 2.01 -2.31 16.75
CA ILE A 180 3.03 -2.89 15.88
C ILE A 180 3.15 -2.00 14.65
N LEU A 181 4.38 -1.59 14.35
CA LEU A 181 4.68 -0.93 13.10
C LEU A 181 5.38 -1.92 12.20
N PHE A 182 4.76 -2.22 11.06
CA PHE A 182 5.42 -3.01 9.99
C PHE A 182 6.06 -2.03 9.05
N HIS A 183 7.28 -2.31 8.65
CA HIS A 183 8.00 -1.44 7.74
C HIS A 183 8.57 -2.29 6.63
N SER A 184 8.19 -1.98 5.39
CA SER A 184 8.57 -2.77 4.22
C SER A 184 9.14 -1.94 3.09
N ASN A 185 10.18 -2.48 2.46
CA ASN A 185 10.64 -1.95 1.18
C ASN A 185 9.55 -2.26 0.16
N HIS A 186 9.06 -1.22 -0.52
CA HIS A 186 7.94 -1.38 -1.44
C HIS A 186 8.33 -2.25 -2.65
N LEU A 187 9.62 -2.46 -2.91
CA LEU A 187 10.00 -3.25 -4.08
C LEU A 187 9.32 -4.64 -4.08
N PHE A 188 9.18 -5.25 -2.89
CA PHE A 188 8.88 -6.69 -2.81
C PHE A 188 7.39 -7.01 -2.64
N TRP A 189 6.57 -5.95 -2.63
CA TRP A 189 5.14 -6.07 -2.36
C TRP A 189 4.35 -4.98 -3.02
N ASP A 190 3.06 -5.22 -3.24
CA ASP A 190 2.19 -4.04 -3.29
C ASP A 190 1.42 -3.96 -1.97
N GLY A 191 0.57 -2.96 -1.82
CA GLY A 191 -0.21 -2.85 -0.58
C GLY A 191 -1.01 -4.07 -0.21
N ILE A 192 -1.53 -4.77 -1.23
CA ILE A 192 -2.30 -5.99 -1.02
C ILE A 192 -1.41 -7.10 -0.46
N GLY A 193 -0.27 -7.31 -1.11
CA GLY A 193 0.60 -8.40 -0.72
C GLY A 193 1.13 -8.17 0.69
N CYS A 194 1.44 -6.92 1.01
CA CYS A 194 2.02 -6.60 2.32
C CYS A 194 0.95 -6.80 3.40
N ARG A 195 -0.27 -6.31 3.17
CA ARG A 195 -1.34 -6.56 4.15
C ARG A 195 -1.68 -8.05 4.29
N LYS A 196 -1.69 -8.79 3.18
CA LYS A 196 -1.92 -10.24 3.25
C LYS A 196 -0.85 -10.86 4.16
N PHE A 197 0.38 -10.41 4.02
CA PHE A 197 1.47 -10.97 4.81
C PHE A 197 1.33 -10.62 6.32
N VAL A 198 0.89 -9.41 6.63
CA VAL A 198 0.56 -9.05 8.03
C VAL A 198 -0.51 -10.04 8.56
N GLY A 199 -1.54 -10.27 7.75
CA GLY A 199 -2.61 -11.22 8.12
C GLY A 199 -2.05 -12.61 8.42
N ASP A 200 -1.12 -13.04 7.57
CA ASP A 200 -0.46 -14.35 7.73
C ASP A 200 0.30 -14.42 9.05
N LEU A 201 1.06 -13.37 9.38
CA LEU A 201 1.77 -13.31 10.66
C LEU A 201 0.80 -13.39 11.84
N PHE A 202 -0.34 -12.69 11.75
CA PHE A 202 -1.32 -12.73 12.84
C PHE A 202 -1.95 -14.12 12.99
N ARG A 203 -2.13 -14.83 11.88
CA ARG A 203 -2.56 -16.23 11.94
C ARG A 203 -1.46 -17.11 12.57
N LEU A 204 -0.26 -17.03 12.00
CA LEU A 204 0.86 -17.92 12.37
C LEU A 204 1.31 -17.73 13.80
N VAL A 205 1.29 -16.50 14.30
CA VAL A 205 1.78 -16.28 15.67
C VAL A 205 0.88 -17.01 16.71
N GLY A 206 -0.38 -17.28 16.32
CA GLY A 206 -1.34 -17.98 17.20
C GLY A 206 -0.90 -19.37 17.60
N SER A 207 -0.02 -19.97 16.79
CA SER A 207 0.52 -21.30 17.05
C SER A 207 1.50 -21.32 18.22
N TYR A 208 1.95 -20.14 18.67
CA TYR A 208 3.07 -20.05 19.62
C TYR A 208 2.71 -19.38 20.92
N ILE A 209 1.48 -18.90 21.02
CA ILE A 209 1.01 -18.33 22.28
C ILE A 209 0.71 -19.48 23.25
N GLY A 210 1.34 -19.46 24.41
CA GLY A 210 0.98 -20.37 25.51
C GLY A 210 1.56 -21.78 25.40
N ARG A 211 2.66 -21.90 24.66
CA ARG A 211 3.42 -23.15 24.52
C ARG A 211 4.85 -22.87 24.97
N SER A 212 5.50 -23.83 25.63
N ASP A 213 7.37 -25.28 23.96
CA ASP A 213 8.08 -26.41 23.34
C ASP A 213 8.47 -26.14 21.89
N SER A 214 8.57 -24.86 21.53
CA SER A 214 8.85 -24.47 20.16
C SER A 214 10.22 -24.94 19.68
N ARG A 215 11.18 -25.03 20.60
CA ARG A 215 12.51 -25.55 20.26
C ARG A 215 12.47 -26.99 19.73
N GLU A 216 11.44 -27.74 20.09
CA GLU A 216 11.32 -29.15 19.72
C GLU A 216 10.52 -29.39 18.43
N MET A 217 9.99 -28.31 17.86
CA MET A 217 9.11 -28.43 16.71
C MET A 217 9.90 -28.80 15.47
N LYS A 218 9.21 -29.35 14.47
CA LYS A 218 9.85 -29.83 13.25
C LYS A 218 10.67 -28.70 12.58
N LYS A 219 11.93 -28.99 12.28
CA LYS A 219 12.79 -28.01 11.59
C LYS A 219 12.28 -27.78 10.17
N ILE A 220 12.36 -26.53 9.75
CA ILE A 220 11.96 -26.15 8.40
C ILE A 220 13.04 -26.68 7.45
N GLN A 221 12.61 -27.32 6.36
CA GLN A 221 13.56 -27.79 5.34
C GLN A 221 13.82 -26.66 4.34
N TRP A 222 14.72 -25.76 4.72
CA TRP A 222 15.06 -24.60 3.89
C TRP A 222 15.56 -25.03 2.52
N GLY A 223 15.13 -24.29 1.50
CA GLY A 223 15.28 -24.73 0.11
C GLY A 223 13.93 -25.04 -0.48
N GLN A 224 13.08 -25.71 0.30
CA GLN A 224 11.75 -26.08 -0.16
C GLN A 224 10.77 -24.92 -0.34
N GLU A 225 11.14 -23.73 0.13
CA GLU A 225 10.28 -22.55 0.01
C GLU A 225 10.51 -21.77 -1.29
N ILE A 226 11.57 -22.09 -2.04
CA ILE A 226 11.84 -21.38 -3.30
C ILE A 226 10.64 -21.46 -4.23
N LYS A 227 10.01 -22.63 -4.31
CA LYS A 227 8.84 -22.80 -5.16
C LYS A 227 7.61 -22.00 -4.66
N ASN A 228 7.72 -21.43 -3.46
CA ASN A 228 6.61 -20.64 -2.88
C ASN A 228 6.69 -19.16 -3.18
N LEU A 229 7.83 -18.71 -3.71
CA LEU A 229 7.91 -17.36 -4.29
C LEU A 229 6.78 -17.16 -5.32
N SER A 230 6.20 -15.95 -5.32
CA SER A 230 5.14 -15.63 -6.29
C SER A 230 5.78 -15.81 -7.67
N PRO A 231 5.04 -16.42 -8.60
CA PRO A 231 5.62 -16.58 -9.93
C PRO A 231 5.75 -15.24 -10.67
N PRO A 232 6.54 -15.20 -11.75
CA PRO A 232 6.64 -13.94 -12.48
C PRO A 232 5.29 -13.51 -13.04
N VAL A 233 4.97 -12.24 -12.85
CA VAL A 233 3.62 -11.76 -13.20
C VAL A 233 3.30 -12.00 -14.71
N VAL A 234 4.31 -11.80 -15.55
CA VAL A 234 4.12 -11.93 -17.00
C VAL A 234 3.64 -13.35 -17.38
N ASP A 235 4.26 -14.35 -16.76
CA ASP A 235 3.92 -15.76 -17.01
C ASP A 235 2.65 -16.23 -16.32
N SER A 236 2.10 -15.38 -15.46
CA SER A 236 0.93 -15.72 -14.66
C SER A 236 -0.36 -15.19 -15.25
N LEU A 237 -0.26 -14.47 -16.37
CA LEU A 237 -1.46 -13.84 -16.93
C LEU A 237 -2.33 -14.81 -17.66
N LYS A 238 -3.62 -14.50 -17.68
CA LYS A 238 -4.55 -15.25 -18.52
C LYS A 238 -4.20 -15.04 -19.98
N LEU A 239 -3.85 -13.80 -20.34
CA LEU A 239 -3.58 -13.41 -21.73
C LEU A 239 -2.19 -13.84 -22.15
N ASP A 240 -2.06 -14.34 -23.38
CA ASP A 240 -0.75 -14.61 -23.97
C ASP A 240 -0.24 -13.30 -24.58
N ILE A 241 0.82 -12.72 -24.02
CA ILE A 241 1.21 -11.36 -24.45
C ILE A 241 1.78 -11.31 -25.87
N ASN A 242 2.21 -12.46 -26.40
CA ASN A 242 2.64 -12.54 -27.81
C ASN A 242 1.56 -12.17 -28.82
N THR A 243 0.31 -12.26 -28.38
CA THR A 243 -0.83 -12.05 -29.26
C THR A 243 -1.15 -10.57 -29.44
N LEU A 244 -0.49 -9.71 -28.66
CA LEU A 244 -0.79 -8.27 -28.68
C LEU A 244 -0.34 -7.57 -29.97
N GLY A 245 -1.04 -6.47 -30.29
CA GLY A 245 -0.85 -5.76 -31.56
C GLY A 245 -1.08 -4.26 -31.42
N SER A 246 -1.61 -3.65 -32.47
CA SER A 246 -1.67 -2.17 -32.50
C SER A 246 -2.67 -1.55 -31.51
N GLU A 247 -3.78 -2.23 -31.21
CA GLU A 247 -4.73 -1.73 -30.22
C GLU A 247 -4.01 -1.58 -28.86
N PHE A 248 -3.23 -2.60 -28.52
CA PHE A 248 -2.43 -2.57 -27.30
C PHE A 248 -1.43 -1.41 -27.33
N ASP A 249 -0.68 -1.26 -28.42
CA ASP A 249 0.27 -0.15 -28.52
C ASP A 249 -0.42 1.20 -28.35
N ASP A 250 -1.57 1.37 -29.00
CA ASP A 250 -2.27 2.65 -28.96
C ASP A 250 -2.76 2.97 -27.53
N LYS A 251 -3.27 1.95 -26.85
CA LYS A 251 -3.77 2.13 -25.49
C LYS A 251 -2.61 2.46 -24.54
N CYS A 252 -1.47 1.77 -24.73
CA CYS A 252 -0.25 2.11 -23.95
C CYS A 252 0.18 3.56 -24.16
N THR A 253 0.15 4.00 -25.42
CA THR A 253 0.49 5.37 -25.79
C THR A 253 -0.53 6.38 -25.20
N GLU A 254 -1.79 5.99 -25.15
CA GLU A 254 -2.80 6.83 -24.53
C GLU A 254 -2.46 7.05 -23.06
N TYR A 255 -2.06 5.98 -22.38
CA TYR A 255 -1.64 6.12 -20.99
C TYR A 255 -0.37 6.98 -20.83
N THR A 256 0.70 6.68 -21.59
CA THR A 256 1.94 7.44 -21.41
C THR A 256 1.77 8.93 -21.78
N SER A 257 0.93 9.21 -22.77
CA SER A 257 0.60 10.59 -23.11
C SER A 257 -0.12 11.30 -21.96
N ALA A 258 -1.10 10.63 -21.36
CA ALA A 258 -1.79 11.14 -20.16
C ALA A 258 -0.85 11.35 -18.97
N LEU A 259 0.07 10.39 -18.80
CA LEU A 259 1.07 10.48 -17.74
C LEU A 259 1.91 11.72 -17.85
N VAL A 260 2.49 11.92 -19.03
CA VAL A 260 3.39 13.03 -19.26
C VAL A 260 2.65 14.34 -19.12
N ALA A 261 1.43 14.41 -19.66
CA ALA A 261 0.60 15.61 -19.55
C ALA A 261 0.19 15.91 -18.12
N ASN A 262 -0.09 14.86 -17.34
CA ASN A 262 -0.40 15.05 -15.92
C ASN A 262 0.77 15.68 -15.17
N TYR A 263 2.01 15.34 -15.53
CA TYR A 263 3.17 15.99 -14.90
C TYR A 263 3.19 17.50 -15.15
N LYS A 264 2.67 17.91 -16.31
CA LYS A 264 2.76 19.29 -16.79
C LYS A 264 1.49 20.12 -16.58
N SER A 265 0.45 19.48 -16.06
CA SER A 265 -0.86 20.12 -16.01
C SER A 265 -1.00 21.11 -14.86
N ARG A 266 -1.93 22.04 -15.04
CA ARG A 266 -2.32 22.96 -13.98
C ARG A 266 -2.98 22.16 -12.86
N GLY A 267 -2.86 22.65 -11.63
CA GLY A 267 -3.44 21.94 -10.51
C GLY A 267 -3.27 22.66 -9.19
N MET A 268 -3.21 21.89 -8.10
CA MET A 268 -2.95 22.46 -6.80
C MET A 268 -1.53 23.01 -6.68
N LYS A 269 -1.42 24.25 -6.23
CA LYS A 269 -0.10 24.84 -6.03
C LYS A 269 0.64 24.15 -4.88
N PHE A 270 1.96 24.01 -5.05
CA PHE A 270 2.82 23.49 -3.99
C PHE A 270 4.12 24.30 -3.95
N GLN A 271 4.83 24.19 -2.84
CA GLN A 271 6.10 24.90 -2.70
C GLN A 271 7.19 23.91 -3.04
N PRO A 272 8.14 24.30 -3.90
CA PRO A 272 9.16 23.35 -4.34
C PRO A 272 10.11 22.93 -3.23
N GLY A 273 10.73 21.77 -3.41
CA GLY A 273 11.72 21.25 -2.48
C GLY A 273 11.46 19.81 -2.09
N LEU A 274 12.27 19.31 -1.15
CA LEU A 274 12.15 17.96 -0.64
C LEU A 274 12.53 17.96 0.84
N ALA A 275 11.65 17.41 1.67
CA ALA A 275 11.96 17.20 3.07
C ALA A 275 11.35 15.86 3.49
N LEU A 276 10.53 15.85 4.54
CA LEU A 276 10.11 14.59 5.15
C LEU A 276 8.68 14.19 4.77
N PRO A 277 8.42 12.85 4.62
CA PRO A 277 7.03 12.44 4.40
C PRO A 277 6.22 12.65 5.66
N ARG A 278 4.98 13.11 5.48
CA ARG A 278 4.10 13.31 6.61
C ARG A 278 2.73 12.80 6.27
N CYS A 279 1.88 12.64 7.27
CA CYS A 279 0.55 12.06 7.07
CA CYS A 279 0.52 12.21 6.95
C CYS A 279 -0.52 12.84 7.86
N VAL A 280 -1.71 13.02 7.29
CA VAL A 280 -2.86 13.55 8.02
C VAL A 280 -3.95 12.52 7.85
N ILE A 281 -4.56 12.10 8.97
CA ILE A 281 -5.55 11.01 8.95
C ILE A 281 -6.91 11.50 9.45
N HIS A 282 -7.99 11.09 8.78
CA HIS A 282 -9.33 11.35 9.29
C HIS A 282 -10.06 10.02 9.29
N LYS A 283 -10.36 9.54 10.48
CA LYS A 283 -11.14 8.33 10.63
C LYS A 283 -12.62 8.69 10.71
N LEU A 284 -13.39 8.25 9.72
CA LEU A 284 -14.84 8.42 9.76
C LEU A 284 -15.38 7.39 10.75
N SER A 285 -16.44 7.74 11.49
CA SER A 285 -16.99 6.76 12.44
C SER A 285 -17.58 5.61 11.63
N ALA A 286 -17.77 4.45 12.24
CA ALA A 286 -18.51 3.38 11.55
C ALA A 286 -19.91 3.86 11.11
N ASP A 287 -20.57 4.66 11.96
CA ASP A 287 -21.95 5.10 11.65
C ASP A 287 -21.95 5.97 10.38
N GLU A 288 -21.00 6.88 10.31
CA GLU A 288 -20.86 7.75 9.14
C GLU A 288 -20.52 6.96 7.91
N SER A 289 -19.60 6.00 8.07
CA SER A 289 -19.18 5.19 6.94
C SER A 289 -20.30 4.33 6.39
N ILE A 290 -21.11 3.76 7.29
CA ILE A 290 -22.21 2.93 6.87
C ILE A 290 -23.25 3.77 6.12
N ASP A 291 -23.48 4.98 6.61
CA ASP A 291 -24.45 5.90 6.00
C ASP A 291 -23.95 6.31 4.60
N ILE A 292 -22.65 6.57 4.48
CA ILE A 292 -22.07 6.95 3.17
C ILE A 292 -22.19 5.80 2.15
N VAL A 293 -21.87 4.58 2.58
CA VAL A 293 -21.98 3.40 1.72
C VAL A 293 -23.45 3.17 1.31
N LYS A 294 -24.38 3.36 2.26
CA LYS A 294 -25.80 3.23 1.94
C LYS A 294 -26.23 4.26 0.89
N ALA A 295 -25.74 5.50 1.04
CA ALA A 295 -26.12 6.57 0.12
C ALA A 295 -25.58 6.30 -1.29
N VAL A 296 -24.36 5.75 -1.39
CA VAL A 296 -23.84 5.32 -2.69
C VAL A 296 -24.74 4.25 -3.33
N LYS A 297 -25.10 3.22 -2.57
CA LYS A 297 -25.92 2.15 -3.10
C LYS A 297 -27.28 2.67 -3.58
N THR A 298 -27.87 3.56 -2.79
CA THR A 298 -29.21 4.08 -3.04
C THR A 298 -29.19 5.08 -4.18
N ARG A 299 -28.25 6.03 -4.13
CA ARG A 299 -28.25 7.12 -5.11
C ARG A 299 -27.72 6.63 -6.43
N LEU A 300 -26.76 5.70 -6.39
CA LEU A 300 -25.98 5.38 -7.58
C LEU A 300 -26.11 3.93 -8.01
N GLY A 301 -26.21 3.03 -7.04
CA GLY A 301 -26.53 1.64 -7.32
C GLY A 301 -25.34 0.72 -7.50
N PRO A 302 -25.59 -0.48 -8.05
CA PRO A 302 -24.57 -1.50 -8.24
C PRO A 302 -23.40 -1.01 -9.10
N GLY A 303 -22.19 -1.42 -8.72
CA GLY A 303 -21.01 -1.04 -9.47
C GLY A 303 -20.41 0.27 -8.99
N PHE A 304 -21.17 1.03 -8.20
CA PHE A 304 -20.62 2.24 -7.56
C PHE A 304 -20.17 2.00 -6.12
N THR A 305 -19.10 2.70 -5.72
CA THR A 305 -18.53 2.44 -4.42
C THR A 305 -18.15 3.74 -3.72
N ILE A 306 -17.89 3.62 -2.43
CA ILE A 306 -17.35 4.73 -1.67
C ILE A 306 -16.00 5.21 -2.24
N SER A 307 -15.26 4.33 -2.91
CA SER A 307 -14.01 4.78 -3.58
C SER A 307 -14.29 5.77 -4.73
N HIS A 308 -15.34 5.50 -5.50
CA HIS A 308 -15.78 6.45 -6.54
C HIS A 308 -16.15 7.77 -5.89
N LEU A 309 -16.94 7.70 -4.83
CA LEU A 309 -17.41 8.89 -4.13
C LEU A 309 -16.24 9.70 -3.58
N THR A 310 -15.26 9.00 -3.02
CA THR A 310 -14.08 9.69 -2.50
C THR A 310 -13.34 10.43 -3.63
N GLN A 311 -13.15 9.76 -4.76
CA GLN A 311 -12.51 10.40 -5.89
C GLN A 311 -13.30 11.65 -6.37
N ALA A 312 -14.63 11.53 -6.36
CA ALA A 312 -15.50 12.66 -6.67
C ALA A 312 -15.28 13.84 -5.70
N ALA A 313 -15.23 13.53 -4.40
CA ALA A 313 -15.09 14.54 -3.36
C ALA A 313 -13.72 15.23 -3.44
N ILE A 314 -12.70 14.44 -3.80
CA ILE A 314 -11.36 14.98 -4.05
C ILE A 314 -11.39 16.07 -5.12
N VAL A 315 -12.09 15.77 -6.21
CA VAL A 315 -12.23 16.71 -7.34
C VAL A 315 -13.04 17.94 -6.95
N LEU A 316 -14.18 17.74 -6.28
CA LEU A 316 -14.97 18.90 -5.82
C LEU A 316 -14.19 19.77 -4.83
N ALA A 317 -13.42 19.13 -3.94
CA ALA A 317 -12.60 19.87 -2.97
C ALA A 317 -11.50 20.66 -3.71
N LEU A 318 -10.97 20.06 -4.78
CA LEU A 318 -9.95 20.73 -5.58
C LEU A 318 -10.52 21.96 -6.30
N LEU A 319 -11.67 21.78 -6.94
CA LEU A 319 -12.39 22.86 -7.63
C LEU A 319 -12.77 23.98 -6.67
N ASP A 320 -13.19 23.60 -5.46
CA ASP A 320 -13.54 24.59 -4.44
C ASP A 320 -12.30 25.34 -3.93
N HIS A 321 -11.16 24.66 -3.90
CA HIS A 321 -9.88 25.22 -3.43
C HIS A 321 -9.35 26.24 -4.42
N LEU A 322 -9.48 25.93 -5.71
CA LEU A 322 -8.92 26.76 -6.77
C LEU A 322 -9.75 28.01 -7.03
N LYS A 323 -9.13 28.99 -7.68
N LEU A 327 -8.61 25.26 -14.46
CA LEU A 327 -8.65 26.72 -14.54
C LEU A 327 -9.03 27.24 -15.94
N SER A 328 -8.59 26.57 -17.00
CA SER A 328 -9.10 26.86 -18.35
C SER A 328 -10.54 26.37 -18.50
N ASP A 329 -11.28 26.98 -19.42
CA ASP A 329 -12.68 26.65 -19.62
C ASP A 329 -12.83 25.18 -20.01
N ASP A 330 -11.95 24.72 -20.89
CA ASP A 330 -12.01 23.35 -21.39
C ASP A 330 -11.09 22.39 -20.64
N GLU A 331 -10.71 22.75 -19.42
CA GLU A 331 -9.87 21.88 -18.60
C GLU A 331 -10.54 20.53 -18.37
N VAL A 332 -9.71 19.49 -18.36
CA VAL A 332 -10.19 18.17 -18.03
C VAL A 332 -9.39 17.68 -16.84
N PHE A 333 -10.09 17.21 -15.81
CA PHE A 333 -9.40 16.54 -14.71
C PHE A 333 -9.00 15.17 -15.22
N ILE A 334 -7.69 14.95 -15.29
CA ILE A 334 -7.12 13.70 -15.77
C ILE A 334 -6.17 13.21 -14.67
N SER A 335 -6.35 11.96 -14.29
CA SER A 335 -5.54 11.37 -13.24
C SER A 335 -5.19 9.93 -13.60
N PRO A 336 -3.89 9.69 -13.84
CA PRO A 336 -3.39 8.34 -14.08
C PRO A 336 -3.31 7.66 -12.74
N THR A 337 -4.19 6.69 -12.51
CA THR A 337 -4.25 6.01 -11.21
C THR A 337 -3.67 4.60 -11.34
N SER A 338 -3.47 3.93 -10.20
CA SER A 338 -3.03 2.53 -10.26
C SER A 338 -4.16 1.64 -9.74
N VAL A 339 -4.21 0.40 -10.19
CA VAL A 339 -5.22 -0.55 -9.74
C VAL A 339 -4.61 -1.92 -9.56
N ASP A 340 -5.24 -2.70 -8.67
CA ASP A 340 -4.82 -4.05 -8.38
C ASP A 340 -5.04 -4.87 -9.65
N GLY A 341 -4.00 -5.58 -10.10
CA GLY A 341 -4.02 -6.32 -11.36
C GLY A 341 -4.34 -7.81 -11.23
N ARG A 342 -4.65 -8.24 -10.01
CA ARG A 342 -4.78 -9.67 -9.75
C ARG A 342 -5.85 -10.38 -10.57
N ARG A 343 -6.92 -9.68 -10.94
CA ARG A 343 -7.99 -10.27 -11.74
C ARG A 343 -7.53 -10.70 -13.15
N TRP A 344 -6.38 -10.18 -13.59
CA TRP A 344 -5.82 -10.53 -14.89
C TRP A 344 -4.89 -11.76 -14.84
N LEU A 345 -4.66 -12.27 -13.63
CA LEU A 345 -3.86 -13.47 -13.44
C LEU A 345 -4.75 -14.73 -13.49
N ARG A 346 -4.15 -15.87 -13.79
CA ARG A 346 -4.90 -17.11 -13.82
C ARG A 346 -5.45 -17.38 -12.44
N GLU A 347 -6.66 -17.93 -12.39
CA GLU A 347 -7.43 -18.13 -11.16
C GLU A 347 -6.66 -18.83 -10.03
N ASP A 348 -5.81 -19.80 -10.35
CA ASP A 348 -5.11 -20.54 -9.28
C ASP A 348 -3.85 -19.85 -8.77
N ILE A 349 -3.55 -18.69 -9.34
CA ILE A 349 -2.45 -17.83 -8.90
C ILE A 349 -3.00 -16.57 -8.23
N ALA A 350 -4.07 -16.02 -8.81
CA ALA A 350 -4.60 -14.68 -8.50
C ALA A 350 -4.89 -14.37 -7.03
N SER A 351 -5.30 -15.38 -6.27
CA SER A 351 -5.70 -15.16 -4.88
CA SER A 351 -5.71 -15.17 -4.88
C SER A 351 -4.57 -15.42 -3.87
N ASN A 352 -3.40 -15.79 -4.37
CA ASN A 352 -2.24 -16.09 -3.52
C ASN A 352 -0.95 -15.41 -4.02
N PHE A 353 -1.04 -14.12 -4.40
CA PHE A 353 0.05 -13.43 -5.08
C PHE A 353 0.50 -12.27 -4.21
N TYR A 354 1.76 -12.33 -3.76
CA TYR A 354 2.27 -11.38 -2.76
C TYR A 354 3.18 -10.30 -3.32
N ALA A 355 3.83 -10.58 -4.45
CA ALA A 355 4.66 -9.55 -5.10
C ALA A 355 3.75 -8.47 -5.71
N MET A 356 4.35 -7.36 -6.16
CA MET A 356 3.60 -6.28 -6.82
C MET A 356 2.77 -6.85 -7.94
N CYS A 357 1.50 -6.45 -8.00
CA CYS A 357 0.66 -6.83 -9.12
C CYS A 357 -0.28 -5.67 -9.36
N GLN A 358 0.23 -4.66 -10.06
CA GLN A 358 -0.47 -3.40 -10.26
C GLN A 358 -0.55 -3.04 -11.72
N THR A 359 -1.62 -2.34 -12.06
CA THR A 359 -1.68 -1.77 -13.39
C THR A 359 -2.26 -0.38 -13.30
N ALA A 360 -2.76 0.15 -14.42
CA ALA A 360 -2.97 1.59 -14.58
C ALA A 360 -4.32 1.83 -15.25
N ALA A 361 -4.95 2.96 -14.92
CA ALA A 361 -6.15 3.45 -15.62
C ALA A 361 -6.06 4.97 -15.62
N VAL A 362 -6.89 5.63 -16.44
CA VAL A 362 -6.88 7.08 -16.44
C VAL A 362 -8.29 7.55 -16.13
N VAL A 363 -8.44 8.21 -14.99
CA VAL A 363 -9.68 8.88 -14.62
C VAL A 363 -9.78 10.21 -15.38
N ARG A 364 -10.94 10.46 -15.98
CA ARG A 364 -11.20 11.69 -16.72
C ARG A 364 -12.53 12.27 -16.34
N ILE A 365 -12.53 13.56 -15.98
CA ILE A 365 -13.78 14.26 -15.69
C ILE A 365 -13.74 15.58 -16.48
N GLU A 366 -14.66 15.70 -17.45
CA GLU A 366 -14.79 16.93 -18.22
C GLU A 366 -15.91 17.77 -17.63
N ASN A 367 -16.08 18.98 -18.17
CA ASN A 367 -17.10 19.96 -17.74
CA ASN A 367 -17.19 19.84 -17.73
C ASN A 367 -17.05 20.22 -16.24
N LEU A 368 -15.87 20.65 -15.83
CA LEU A 368 -15.63 20.91 -14.42
C LEU A 368 -16.50 22.04 -13.88
N LYS A 369 -16.86 23.02 -14.72
CA LYS A 369 -17.67 24.13 -14.21
C LYS A 369 -19.03 23.62 -13.75
N SER A 370 -19.59 22.63 -14.46
CA SER A 370 -20.93 22.12 -14.17
C SER A 370 -20.99 21.34 -12.86
N ILE A 371 -19.82 20.92 -12.33
CA ILE A 371 -19.76 20.23 -11.04
C ILE A 371 -19.08 21.03 -9.93
N THR A 372 -18.76 22.31 -10.21
CA THR A 372 -18.17 23.21 -9.23
C THR A 372 -19.22 23.71 -8.25
N VAL A 373 -19.16 23.17 -7.02
CA VAL A 373 -20.12 23.52 -5.97
C VAL A 373 -19.37 23.88 -4.70
N SER A 374 -19.91 24.83 -3.95
CA SER A 374 -19.31 25.15 -2.68
C SER A 374 -19.96 24.34 -1.56
N HIS A 375 -19.35 24.38 -0.37
CA HIS A 375 -19.95 23.70 0.77
C HIS A 375 -21.22 24.43 1.24
N LYS A 376 -21.39 25.68 0.83
CA LYS A 376 -22.54 26.48 1.25
C LYS A 376 -23.70 26.36 0.25
N ASP A 377 -23.45 25.73 -0.91
CA ASP A 377 -24.53 25.49 -1.87
C ASP A 377 -25.57 24.50 -1.34
N GLU A 378 -26.77 24.56 -1.90
CA GLU A 378 -27.83 23.64 -1.55
C GLU A 378 -27.32 22.20 -1.58
N LYS A 379 -27.75 21.42 -0.58
CA LYS A 379 -27.38 19.99 -0.53
C LYS A 379 -27.64 19.27 -1.85
N GLU A 380 -28.83 19.46 -2.44
CA GLU A 380 -29.16 18.84 -3.69
C GLU A 380 -28.15 19.18 -4.79
N LEU A 381 -27.65 20.43 -4.83
CA LEU A 381 -26.64 20.78 -5.84
C LEU A 381 -25.36 19.99 -5.65
N GLN A 382 -24.95 19.84 -4.39
CA GLN A 382 -23.74 19.09 -4.04
C GLN A 382 -23.88 17.62 -4.39
N VAL A 383 -25.03 17.02 -4.03
CA VAL A 383 -25.31 15.63 -4.35
C VAL A 383 -25.26 15.40 -5.86
N ARG A 384 -25.85 16.32 -6.62
CA ARG A 384 -25.92 16.17 -8.08
C ARG A 384 -24.53 16.26 -8.68
N ALA A 385 -23.72 17.18 -8.16
CA ALA A 385 -22.33 17.35 -8.60
C ALA A 385 -21.53 16.08 -8.28
N LEU A 386 -21.67 15.58 -7.05
CA LEU A 386 -20.97 14.34 -6.69
C LEU A 386 -21.42 13.17 -7.55
N GLU A 387 -22.72 13.05 -7.80
CA GLU A 387 -23.25 11.98 -8.65
CA GLU A 387 -23.26 11.99 -8.65
C GLU A 387 -22.67 12.06 -10.06
N SER A 388 -22.62 13.27 -10.62
CA SER A 388 -22.08 13.48 -11.98
C SER A 388 -20.64 13.02 -12.04
N ALA A 389 -19.85 13.48 -11.08
CA ALA A 389 -18.45 13.13 -11.01
C ALA A 389 -18.26 11.60 -10.86
N CYS A 390 -19.03 10.98 -9.96
CA CYS A 390 -18.98 9.50 -9.81
C CYS A 390 -19.26 8.76 -11.11
N ARG A 391 -20.25 9.22 -11.87
CA ARG A 391 -20.59 8.56 -13.13
C ARG A 391 -19.46 8.72 -14.17
N ASN A 392 -18.84 9.90 -14.22
CA ASN A 392 -17.62 10.18 -15.02
C ASN A 392 -16.46 9.27 -14.59
N ILE A 393 -16.24 9.16 -13.28
CA ILE A 393 -15.19 8.30 -12.73
C ILE A 393 -15.40 6.83 -13.11
N LYS A 394 -16.59 6.31 -12.87
CA LYS A 394 -16.87 4.90 -13.15
C LYS A 394 -16.73 4.61 -14.64
N LYS A 395 -17.26 5.51 -15.47
CA LYS A 395 -17.18 5.39 -16.94
C LYS A 395 -15.73 5.35 -17.40
N SER A 396 -14.89 6.25 -16.86
CA SER A 396 -13.44 6.26 -17.10
C SER A 396 -12.79 4.92 -16.80
N TYR A 397 -13.03 4.41 -15.60
CA TYR A 397 -12.44 3.15 -15.19
C TYR A 397 -12.81 2.05 -16.16
N ARG A 398 -14.07 2.02 -16.57
CA ARG A 398 -14.59 1.06 -17.56
C ARG A 398 -13.74 0.98 -18.84
N GLN A 399 -13.30 2.12 -19.36
CA GLN A 399 -12.46 2.17 -20.56
C GLN A 399 -11.15 1.43 -20.37
N TRP A 400 -10.77 1.21 -19.11
CA TRP A 400 -9.49 0.60 -18.84
C TRP A 400 -9.67 -0.80 -18.33
N LEU A 401 -10.52 -0.95 -17.31
CA LEU A 401 -10.69 -2.20 -16.60
C LEU A 401 -11.31 -3.33 -17.43
N GLU A 402 -12.12 -2.98 -18.42
CA GLU A 402 -12.80 -4.00 -19.22
C GLU A 402 -11.87 -4.61 -20.28
N ASN A 403 -10.65 -4.10 -20.36
CA ASN A 403 -9.71 -4.57 -21.36
C ASN A 403 -8.86 -5.75 -20.90
N PRO A 404 -8.90 -6.89 -21.63
CA PRO A 404 -8.14 -8.06 -21.19
C PRO A 404 -6.62 -7.89 -21.14
N PHE A 405 -6.07 -6.91 -21.84
CA PHE A 405 -4.64 -6.70 -21.82
C PHE A 405 -4.15 -5.74 -20.72
N LEU A 406 -5.05 -5.33 -19.84
CA LEU A 406 -4.70 -4.23 -18.90
C LEU A 406 -3.48 -4.49 -18.04
N GLN A 407 -3.33 -5.72 -17.50
CA GLN A 407 -2.15 -5.99 -16.67
C GLN A 407 -0.87 -5.90 -17.51
N ALA A 408 -0.89 -6.45 -18.72
CA ALA A 408 0.26 -6.32 -19.61
C ALA A 408 0.60 -4.84 -19.89
N LEU A 409 -0.44 -4.02 -20.03
CA LEU A 409 -0.26 -2.58 -20.31
C LEU A 409 0.40 -1.91 -19.11
N GLY A 410 -0.05 -2.25 -17.90
CA GLY A 410 0.53 -1.71 -16.66
C GLY A 410 2.03 -1.95 -16.61
N LEU A 411 2.43 -3.19 -16.87
CA LEU A 411 3.84 -3.55 -16.80
C LEU A 411 4.64 -2.71 -17.78
N ARG A 412 4.12 -2.58 -18.99
CA ARG A 412 4.83 -1.84 -20.04
C ARG A 412 4.90 -0.35 -19.77
N VAL A 413 3.78 0.25 -19.39
CA VAL A 413 3.77 1.69 -19.15
C VAL A 413 4.47 2.06 -17.87
N HIS A 414 4.43 1.19 -16.87
CA HIS A 414 5.18 1.49 -15.64
C HIS A 414 6.69 1.33 -15.86
N ASN A 415 7.10 0.41 -16.72
CA ASN A 415 8.51 0.41 -17.14
C ASN A 415 8.91 1.79 -17.70
N PHE A 416 8.05 2.32 -18.55
CA PHE A 416 8.28 3.65 -19.12
C PHE A 416 8.32 4.73 -18.03
N GLU A 417 7.38 4.66 -17.10
CA GLU A 417 7.29 5.64 -16.03
C GLU A 417 8.55 5.67 -15.15
N ALA A 418 9.08 4.49 -14.85
CA ALA A 418 10.33 4.38 -14.07
C ALA A 418 11.50 5.07 -14.77
N SER A 419 11.59 4.83 -16.08
CA SER A 419 12.62 5.47 -16.90
C SER A 419 12.43 6.98 -16.96
N TYR A 420 11.18 7.43 -17.09
CA TYR A 420 10.85 8.87 -17.08
C TYR A 420 11.27 9.51 -15.75
N LEU A 421 10.95 8.85 -14.65
CA LEU A 421 11.27 9.39 -13.33
C LEU A 421 12.75 9.40 -13.01
N HIS A 422 13.49 8.45 -13.58
CA HIS A 422 14.94 8.45 -13.46
C HIS A 422 15.50 9.66 -14.22
N ALA A 423 14.97 9.90 -15.41
CA ALA A 423 15.47 11.00 -16.25
C ALA A 423 15.03 12.36 -15.73
N LYS A 424 13.89 12.40 -15.06
CA LYS A 424 13.35 13.64 -14.51
C LYS A 424 13.07 13.55 -13.01
N PRO A 425 14.09 13.87 -12.19
CA PRO A 425 13.93 13.79 -10.73
C PRO A 425 12.99 14.86 -10.12
N ILE A 426 12.68 15.92 -10.88
CA ILE A 426 11.73 16.94 -10.43
C ILE A 426 10.67 17.05 -11.50
N PRO A 427 9.78 16.03 -11.61
CA PRO A 427 8.89 15.95 -12.78
C PRO A 427 7.67 16.86 -12.71
N PHE A 428 7.26 17.25 -11.49
CA PHE A 428 6.24 18.30 -11.34
C PHE A 428 6.87 19.64 -11.03
N GLU A 429 6.38 20.69 -11.70
CA GLU A 429 6.80 22.06 -11.40
C GLU A 429 5.61 22.97 -11.07
N GLY A 430 5.68 23.62 -9.93
CA GLY A 430 4.67 24.62 -9.55
C GLY A 430 3.35 24.06 -9.03
N GLU A 431 2.75 23.13 -9.77
CA GLU A 431 1.43 22.58 -9.43
C GLU A 431 1.36 21.07 -9.68
N ALA A 432 0.57 20.38 -8.86
CA ALA A 432 0.41 18.94 -9.00
C ALA A 432 -0.95 18.57 -8.44
N ASN A 433 -1.73 17.84 -9.22
CA ASN A 433 -3.04 17.44 -8.74
C ASN A 433 -2.96 16.28 -7.74
N PRO A 434 -3.86 16.28 -6.74
CA PRO A 434 -3.92 15.14 -5.83
C PRO A 434 -4.16 13.83 -6.57
N LEU A 435 -3.63 12.75 -5.99
CA LEU A 435 -3.84 11.42 -6.52
C LEU A 435 -4.64 10.60 -5.50
N PHE A 436 -5.60 9.82 -6.00
CA PHE A 436 -6.35 8.91 -5.13
C PHE A 436 -5.89 7.46 -5.26
N ILE A 437 -5.70 6.82 -4.10
CA ILE A 437 -5.36 5.41 -4.02
C ILE A 437 -6.37 4.74 -3.11
N SER A 438 -7.11 3.77 -3.63
CA SER A 438 -8.00 2.98 -2.80
C SER A 438 -7.32 1.72 -2.28
N ASP A 439 -7.26 1.58 -0.96
CA ASP A 439 -6.69 0.39 -0.31
C ASP A 439 -7.76 -0.67 0.02
N GLY A 440 -9.03 -0.27 -0.03
CA GLY A 440 -10.16 -1.19 0.14
C GLY A 440 -10.38 -1.63 1.57
N ILE A 441 -11.04 -2.77 1.72
CA ILE A 441 -11.50 -3.27 3.02
C ILE A 441 -10.45 -4.20 3.64
N ASN A 442 -9.93 -3.81 4.80
CA ASN A 442 -8.79 -4.50 5.38
C ASN A 442 -9.14 -5.91 5.89
N GLU A 443 -10.44 -6.19 6.07
CA GLU A 443 -10.87 -7.54 6.49
C GLU A 443 -10.56 -8.62 5.44
N ARG A 444 -10.38 -8.19 4.18
CA ARG A 444 -9.96 -9.10 3.13
C ARG A 444 -8.66 -9.77 3.48
N PHE A 445 -7.81 -9.09 4.26
CA PHE A 445 -6.42 -9.52 4.44
C PHE A 445 -5.97 -9.78 5.86
N ILE A 446 -6.56 -9.09 6.82
CA ILE A 446 -6.04 -9.09 8.22
C ILE A 446 -7.19 -9.48 9.14
N PRO A 447 -6.93 -10.39 10.10
CA PRO A 447 -8.02 -10.78 10.99
C PRO A 447 -8.35 -9.77 12.08
N HIS A 448 -9.58 -9.81 12.58
CA HIS A 448 -9.95 -8.93 13.71
C HIS A 448 -9.21 -9.25 15.01
N GLU A 449 -8.80 -10.51 15.17
CA GLU A 449 -8.10 -10.91 16.39
C GLU A 449 -6.93 -11.83 16.10
N ILE A 450 -5.95 -11.77 17.00
CA ILE A 450 -4.93 -12.80 17.10
C ILE A 450 -5.44 -13.73 18.19
N LYS A 451 -5.52 -15.02 17.87
CA LYS A 451 -6.05 -16.06 18.76
C LYS A 451 -4.94 -17.04 19.14
N GLN A 452 -5.08 -17.68 20.29
CA GLN A 452 -4.32 -18.90 20.62
C GLN A 452 -5.00 -20.02 19.84
N THR A 453 -4.29 -20.53 18.84
CA THR A 453 -4.89 -21.41 17.85
C THR A 453 -5.47 -22.68 18.48
N ALA A 454 -4.72 -23.24 19.44
CA ALA A 454 -5.13 -24.50 20.11
C ALA A 454 -6.44 -24.38 20.88
N THR A 455 -6.74 -23.18 21.38
CA THR A 455 -7.92 -23.02 22.23
C THR A 455 -9.00 -22.20 21.56
N GLY A 456 -8.67 -21.47 20.51
CA GLY A 456 -9.61 -20.52 19.93
C GLY A 456 -9.81 -19.23 20.73
N GLU A 457 -9.08 -19.07 21.82
CA GLU A 457 -9.22 -17.88 22.68
CA GLU A 457 -9.22 -17.89 22.68
C GLU A 457 -8.61 -16.65 22.04
N ASN A 458 -9.34 -15.54 22.10
CA ASN A 458 -8.81 -14.27 21.61
C ASN A 458 -7.72 -13.84 22.57
N VAL A 459 -6.65 -13.30 22.00
CA VAL A 459 -5.52 -12.86 22.77
C VAL A 459 -5.27 -11.36 22.53
N LEU A 460 -5.18 -10.96 21.27
CA LEU A 460 -5.01 -9.52 20.95
C LEU A 460 -6.07 -9.08 19.97
N SER A 461 -6.75 -7.99 20.27
CA SER A 461 -7.76 -7.43 19.37
C SER A 461 -7.07 -6.48 18.43
N VAL A 462 -7.32 -6.61 17.13
CA VAL A 462 -6.72 -5.66 16.17
C VAL A 462 -7.68 -4.50 16.04
N GLU A 463 -7.35 -3.39 16.70
CA GLU A 463 -8.31 -2.27 16.86
C GLU A 463 -8.30 -1.32 15.68
N SER A 464 -7.10 -0.99 15.21
CA SER A 464 -6.97 0.01 14.15
C SER A 464 -5.82 -0.36 13.23
N ILE A 465 -5.99 0.00 11.96
CA ILE A 465 -4.99 -0.26 10.94
C ILE A 465 -4.81 1.02 10.16
N ASP A 466 -3.58 1.50 10.11
CA ASP A 466 -3.26 2.65 9.24
C ASP A 466 -2.15 2.28 8.26
N PHE A 467 -2.40 2.51 6.98
CA PHE A 467 -1.48 2.09 5.94
C PHE A 467 -0.88 3.35 5.33
N VAL A 468 0.43 3.49 5.47
CA VAL A 468 1.13 4.65 4.92
CA VAL A 468 1.16 4.65 4.94
C VAL A 468 2.20 4.24 3.90
N VAL A 469 2.34 5.04 2.85
CA VAL A 469 3.42 4.86 1.86
C VAL A 469 4.16 6.19 1.84
N ASN A 470 5.48 6.16 2.01
CA ASN A 470 6.25 7.39 2.07
C ASN A 470 6.00 8.20 0.80
N GLN A 471 5.98 9.52 0.92
CA GLN A 471 5.75 10.40 -0.23
C GLN A 471 6.90 11.40 -0.35
N SER A 472 7.61 11.30 -1.47
CA SER A 472 8.72 12.19 -1.80
C SER A 472 8.40 13.11 -2.98
N LEU A 473 7.23 12.93 -3.59
CA LEU A 473 6.80 13.77 -4.72
C LEU A 473 5.81 14.81 -4.21
N PRO A 474 5.63 15.92 -4.97
CA PRO A 474 4.88 17.05 -4.44
C PRO A 474 3.37 17.02 -4.66
N TYR A 475 2.77 15.84 -4.83
CA TYR A 475 1.29 15.78 -4.89
C TYR A 475 0.75 15.20 -3.60
N LEU A 476 -0.51 15.50 -3.31
CA LEU A 476 -1.17 14.94 -2.14
C LEU A 476 -1.61 13.56 -2.54
N ALA A 477 -1.17 12.56 -1.79
CA ALA A 477 -1.56 11.18 -2.11
C ALA A 477 -2.59 10.78 -1.08
N ILE A 478 -3.81 10.51 -1.56
CA ILE A 478 -4.96 10.33 -0.70
C ILE A 478 -5.38 8.89 -0.74
N ARG A 479 -5.35 8.23 0.42
CA ARG A 479 -5.63 6.81 0.47
C ARG A 479 -6.95 6.57 1.24
N LEU A 480 -7.74 5.62 0.80
CA LEU A 480 -8.95 5.23 1.53
C LEU A 480 -8.89 3.76 1.89
N ASP A 481 -9.13 3.43 3.15
CA ASP A 481 -9.45 2.03 3.40
C ASP A 481 -10.53 1.89 4.45
N SER A 482 -10.75 0.66 4.91
CA SER A 482 -11.82 0.40 5.83
C SER A 482 -11.41 -0.67 6.81
N TRP A 483 -11.84 -0.51 8.06
CA TRP A 483 -11.66 -1.57 9.06
C TRP A 483 -12.80 -1.51 10.04
N ARG A 484 -13.39 -2.67 10.36
CA ARG A 484 -14.51 -2.73 11.34
C ARG A 484 -15.61 -1.72 10.96
N ASP A 485 -15.89 -1.70 9.66
CA ASP A 485 -16.94 -0.87 9.01
C ASP A 485 -16.70 0.64 9.10
N ALA A 486 -15.50 1.05 9.47
CA ALA A 486 -15.16 2.47 9.51
C ALA A 486 -14.15 2.78 8.42
N SER A 487 -14.43 3.80 7.62
CA SER A 487 -13.51 4.26 6.56
C SER A 487 -12.52 5.29 7.11
N THR A 488 -11.24 5.12 6.76
CA THR A 488 -10.22 6.09 7.09
C THR A 488 -9.67 6.73 5.83
N LEU A 489 -9.59 8.05 5.79
CA LEU A 489 -8.88 8.74 4.73
C LEU A 489 -7.57 9.23 5.29
N ASN A 490 -6.51 8.95 4.56
CA ASN A 490 -5.15 9.40 4.90
CA ASN A 490 -5.25 9.56 4.92
C ASN A 490 -4.61 10.23 3.73
N ILE A 491 -4.02 11.36 4.01
CA ILE A 491 -3.30 12.07 2.97
C ILE A 491 -1.83 12.08 3.36
N ILE A 492 -1.01 11.51 2.48
CA ILE A 492 0.42 11.55 2.68
C ILE A 492 0.98 12.63 1.77
N TYR A 493 1.91 13.38 2.30
CA TYR A 493 2.47 14.50 1.57
C TYR A 493 3.89 14.67 2.02
N ASN A 494 4.65 15.46 1.27
CA ASN A 494 5.98 15.80 1.71
C ASN A 494 5.95 17.19 2.31
N ASP A 495 6.52 17.35 3.50
CA ASP A 495 6.37 18.63 4.22
C ASP A 495 7.21 19.80 3.72
N ALA A 496 8.02 19.55 2.68
CA ALA A 496 8.63 20.65 1.93
C ALA A 496 7.58 21.36 1.05
N ASN A 497 6.54 20.61 0.67
CA ASN A 497 5.66 21.05 -0.41
C ASN A 497 4.33 21.65 0.07
N TYR A 498 3.91 21.25 1.26
CA TYR A 498 2.68 21.74 1.87
C TYR A 498 2.85 21.94 3.36
N THR A 499 2.04 22.81 3.92
CA THR A 499 1.92 22.89 5.37
C THR A 499 0.91 21.85 5.85
N GLU A 500 1.03 21.43 7.09
CA GLU A 500 0.06 20.50 7.66
C GLU A 500 -1.33 21.12 7.65
N ALA A 501 -1.42 22.41 7.95
CA ALA A 501 -2.70 23.12 7.97
C ALA A 501 -3.42 23.07 6.63
N GLU A 502 -2.70 23.31 5.54
CA GLU A 502 -3.39 23.27 4.25
C GLU A 502 -3.89 21.86 3.86
N VAL A 503 -3.14 20.83 4.25
CA VAL A 503 -3.53 19.44 3.96
C VAL A 503 -4.74 19.06 4.79
N GLN A 504 -4.71 19.45 6.06
CA GLN A 504 -5.85 19.26 6.96
C GLN A 504 -7.10 19.96 6.41
N LYS A 505 -6.94 21.18 5.92
CA LYS A 505 -8.06 21.96 5.37
C LYS A 505 -8.64 21.22 4.17
N TYR A 506 -7.75 20.76 3.31
CA TYR A 506 -8.16 20.00 2.12
C TYR A 506 -8.84 18.68 2.52
N LEU A 507 -8.22 17.94 3.44
CA LEU A 507 -8.83 16.66 3.89
C LEU A 507 -10.25 16.88 4.45
N GLN A 508 -10.40 17.91 5.26
CA GLN A 508 -11.71 18.21 5.87
C GLN A 508 -12.75 18.56 4.80
N SER A 509 -12.31 19.25 3.76
CA SER A 509 -13.18 19.59 2.64
C SER A 509 -13.70 18.33 1.93
N ILE A 510 -12.77 17.40 1.66
CA ILE A 510 -13.13 16.13 1.04
C ILE A 510 -14.14 15.42 1.92
N VAL A 511 -13.84 15.33 3.21
CA VAL A 511 -14.74 14.64 4.16
C VAL A 511 -16.13 15.28 4.19
N GLU A 512 -16.17 16.60 4.25
CA GLU A 512 -17.43 17.33 4.22
C GLU A 512 -18.29 16.99 2.99
N PHE A 513 -17.68 16.95 1.80
CA PHE A 513 -18.44 16.57 0.61
C PHE A 513 -18.94 15.13 0.66
N MET A 514 -18.10 14.21 1.12
CA MET A 514 -18.56 12.82 1.30
C MET A 514 -19.78 12.76 2.22
N LEU A 515 -19.71 13.48 3.33
CA LEU A 515 -20.79 13.46 4.30
C LEU A 515 -22.06 14.08 3.74
N ALA A 516 -21.87 15.04 2.86
CA ALA A 516 -22.99 15.71 2.20
C ALA A 516 -23.80 14.77 1.30
N PHE A 517 -23.21 13.65 0.93
CA PHE A 517 -23.87 12.71 0.04
C PHE A 517 -24.88 11.85 0.79
N ARG A 518 -24.81 11.87 2.13
CA ARG A 518 -25.66 11.01 2.96
C ARG A 518 -27.13 11.28 2.65
N LEU A 519 -27.95 10.24 2.76
CA LEU A 519 -29.37 10.39 2.52
C LEU A 519 -30.00 11.23 3.62
#